data_8QS8
#
_entry.id   8QS8
#
_cell.length_a   62.212
_cell.length_b   149.855
_cell.length_c   76.551
_cell.angle_alpha   90.00
_cell.angle_beta   90.00
_cell.angle_gamma   90.00
#
_symmetry.space_group_name_H-M   'C 2 2 2'
#
loop_
_entity.id
_entity.type
_entity.pdbx_description
1 polymer '14-3-3 protein sigma'
2 polymer 'C-RAF peptide'
3 non-polymer 'CHLORIDE ION'
4 non-polymer 'MAGNESIUM ION'
5 non-polymer 1-[8-(4-bromophenyl)sulfonyl-5-oxa-2,8-diazaspiro[3.5]nonan-2-yl]-2-chloranyl-ethanone
6 water water
#
loop_
_entity_poly.entity_id
_entity_poly.type
_entity_poly.pdbx_seq_one_letter_code
_entity_poly.pdbx_strand_id
1 'polypeptide(L)'
;GAMGSMERASLIQKAKLAEQAERYEDMAAFMKGAVEKGEELSCEERNLLSVAYKNVVGGQRAAWRVLSSIEQKSNEEGSE
EKGPEVREYREKVETELQGVCDTVLGLLDSHLIKEAGDAESRVFYLKMKGDYYRYLAEVATGDDKKRIIDSARSAYQEAM
DISKKEMPPTNPIRLGLALNFSVFHYEIANSPEEAISLAKTTFDEAMADLHTLSEDSYKDSTLIMQLLRDNLTLWT
;
A
2 'polypeptide(L)' QRST(SEP)TPNVH P
#
loop_
_chem_comp.id
_chem_comp.type
_chem_comp.name
_chem_comp.formula
CL non-polymer 'CHLORIDE ION' 'Cl -1'
MG non-polymer 'MAGNESIUM ION' 'Mg 2'
WQN non-polymer 1-[8-(4-bromophenyl)sulfonyl-5-oxa-2,8-diazaspiro[3.5]nonan-2-yl]-2-chloranyl-ethanone 'C14 H16 Br Cl N2 O4 S'
#
# COMPACT_ATOMS: atom_id res chain seq x y z
N GLY A 1 -24.62 -1.02 -2.29
CA GLY A 1 -24.31 -0.57 -0.94
C GLY A 1 -24.88 0.80 -0.60
N ALA A 2 -24.33 1.40 0.47
CA ALA A 2 -24.79 2.71 0.93
C ALA A 2 -24.58 3.80 -0.10
N MET A 3 -23.69 3.57 -1.06
CA MET A 3 -23.36 4.57 -2.07
C MET A 3 -24.06 4.28 -3.40
N GLY A 4 -24.94 3.27 -3.43
CA GLY A 4 -25.47 2.78 -4.69
C GLY A 4 -26.38 3.76 -5.41
N SER A 5 -27.03 4.67 -4.68
CA SER A 5 -27.92 5.61 -5.34
C SER A 5 -27.21 6.85 -5.87
N MET A 6 -25.94 7.07 -5.51
CA MET A 6 -25.19 8.24 -5.98
C MET A 6 -24.51 8.01 -7.32
N GLU A 7 -24.53 9.06 -8.13
CA GLU A 7 -23.86 9.01 -9.42
C GLU A 7 -22.37 8.89 -9.23
N ARG A 8 -21.71 8.15 -10.13
CA ARG A 8 -20.26 8.02 -10.08
C ARG A 8 -19.57 9.37 -9.98
N ALA A 9 -19.93 10.33 -10.85
CA ALA A 9 -19.21 11.60 -10.86
C ALA A 9 -19.36 12.35 -9.55
N SER A 10 -20.54 12.24 -8.91
CA SER A 10 -20.75 12.84 -7.60
C SER A 10 -19.91 12.17 -6.54
N LEU A 11 -19.72 10.86 -6.64
CA LEU A 11 -18.89 10.16 -5.67
C LEU A 11 -17.44 10.61 -5.76
N ILE A 12 -16.91 10.74 -6.99
CA ILE A 12 -15.56 11.27 -7.19
C ILE A 12 -15.45 12.67 -6.60
N GLN A 13 -16.40 13.54 -6.95
CA GLN A 13 -16.41 14.90 -6.44
C GLN A 13 -16.39 14.91 -4.92
N LYS A 14 -17.21 14.06 -4.30
CA LYS A 14 -17.27 14.04 -2.84
C LYS A 14 -16.02 13.42 -2.24
N ALA A 15 -15.38 12.47 -2.93
CA ALA A 15 -14.10 11.98 -2.43
C ALA A 15 -13.07 13.09 -2.39
N LYS A 16 -13.09 13.97 -3.40
CA LYS A 16 -12.16 15.09 -3.41
C LYS A 16 -12.47 16.09 -2.29
N LEU A 17 -13.76 16.35 -2.04
CA LEU A 17 -14.11 17.23 -0.92
C LEU A 17 -13.67 16.64 0.41
N ALA A 18 -13.86 15.33 0.57
CA ALA A 18 -13.50 14.66 1.82
C ALA A 18 -11.99 14.68 2.04
N GLU A 19 -11.21 14.53 0.97
CA GLU A 19 -9.76 14.72 1.09
C GLU A 19 -9.45 16.12 1.60
N GLN A 20 -10.07 17.14 0.99
CA GLN A 20 -9.82 18.50 1.43
C GLN A 20 -10.16 18.70 2.89
N ALA A 21 -11.22 18.08 3.35
CA ALA A 21 -11.67 18.18 4.73
C ALA A 21 -10.96 17.21 5.66
N GLU A 22 -10.01 16.42 5.14
CA GLU A 22 -9.30 15.41 5.93
C GLU A 22 -10.26 14.41 6.56
N ARG A 23 -11.31 14.06 5.81
CA ARG A 23 -12.28 13.06 6.25
C ARG A 23 -12.03 11.78 5.46
N TYR A 24 -11.02 11.02 5.90
CA TYR A 24 -10.51 9.96 5.03
C TYR A 24 -11.39 8.73 5.05
N GLU A 25 -12.12 8.50 6.14
CA GLU A 25 -13.06 7.38 6.16
C GLU A 25 -14.20 7.64 5.19
N ASP A 26 -14.74 8.86 5.18
CA ASP A 26 -15.70 9.27 4.16
C ASP A 26 -15.09 9.10 2.77
N MET A 27 -13.86 9.57 2.59
CA MET A 27 -13.35 9.59 1.22
C MET A 27 -13.14 8.17 0.73
N ALA A 28 -12.75 7.24 1.62
CA ALA A 28 -12.67 5.84 1.23
C ALA A 28 -14.05 5.26 0.89
N ALA A 29 -15.08 5.60 1.69
CA ALA A 29 -16.42 5.13 1.37
C ALA A 29 -16.88 5.63 0.00
N PHE A 30 -16.60 6.91 -0.30
CA PHE A 30 -16.97 7.46 -1.60
C PHE A 30 -16.24 6.73 -2.72
N MET A 31 -14.94 6.48 -2.53
CA MET A 31 -14.20 5.80 -3.59
C MET A 31 -14.58 4.34 -3.72
N LYS A 32 -14.93 3.68 -2.61
CA LYS A 32 -15.45 2.32 -2.72
C LYS A 32 -16.73 2.31 -3.54
N GLY A 33 -17.61 3.29 -3.31
CA GLY A 33 -18.82 3.38 -4.12
C GLY A 33 -18.52 3.65 -5.57
N ALA A 34 -17.51 4.49 -5.84
CA ALA A 34 -17.13 4.73 -7.22
C ALA A 34 -16.63 3.45 -7.88
N VAL A 35 -15.79 2.69 -7.18
CA VAL A 35 -15.28 1.45 -7.74
C VAL A 35 -16.41 0.50 -8.07
N GLU A 36 -17.42 0.46 -7.20
CA GLU A 36 -18.51 -0.49 -7.36
C GLU A 36 -19.42 -0.15 -8.53
N LYS A 37 -19.25 1.02 -9.15
CA LYS A 37 -19.96 1.28 -10.39
C LYS A 37 -19.45 0.40 -11.54
N GLY A 38 -18.27 -0.17 -11.39
CA GLY A 38 -17.79 -1.14 -12.35
C GLY A 38 -17.05 -0.58 -13.53
N GLU A 39 -16.79 0.73 -13.56
CA GLU A 39 -15.90 1.30 -14.56
C GLU A 39 -14.47 1.36 -14.05
N GLU A 40 -13.53 1.42 -14.99
CA GLU A 40 -12.14 1.52 -14.57
C GLU A 40 -11.89 2.86 -13.90
N LEU A 41 -10.85 2.92 -13.09
CA LEU A 41 -10.45 4.17 -12.48
C LEU A 41 -9.28 4.76 -13.25
N SER A 42 -9.30 6.08 -13.45
CA SER A 42 -8.16 6.77 -14.03
C SER A 42 -7.02 6.86 -13.00
N CYS A 43 -5.85 7.30 -13.48
CA CYS A 43 -4.73 7.53 -12.57
C CYS A 43 -5.13 8.44 -11.41
N GLU A 44 -5.77 9.57 -11.72
CA GLU A 44 -6.17 10.50 -10.66
C GLU A 44 -7.12 9.84 -9.67
N GLU A 45 -8.01 8.97 -10.18
CA GLU A 45 -8.98 8.32 -9.31
C GLU A 45 -8.33 7.20 -8.50
N ARG A 46 -7.35 6.49 -9.09
CA ARG A 46 -6.58 5.54 -8.31
C ARG A 46 -5.84 6.23 -7.17
N ASN A 47 -5.39 7.46 -7.40
CA ASN A 47 -4.72 8.19 -6.33
C ASN A 47 -5.70 8.47 -5.19
N LEU A 48 -6.93 8.84 -5.53
CA LEU A 48 -7.95 9.12 -4.51
C LEU A 48 -8.22 7.87 -3.68
N LEU A 49 -8.45 6.75 -4.35
CA LEU A 49 -8.66 5.47 -3.66
C LEU A 49 -7.49 5.16 -2.76
N SER A 50 -6.28 5.32 -3.28
CA SER A 50 -5.07 5.00 -2.55
C SER A 50 -4.93 5.88 -1.32
N VAL A 51 -5.08 7.20 -1.50
CA VAL A 51 -4.89 8.13 -0.38
C VAL A 51 -5.89 7.86 0.74
N ALA A 52 -7.14 7.58 0.37
CA ALA A 52 -8.18 7.37 1.37
C ALA A 52 -7.87 6.14 2.21
N TYR A 53 -7.71 4.98 1.58
CA TYR A 53 -7.52 3.78 2.36
C TYR A 53 -6.18 3.76 3.07
N LYS A 54 -5.12 4.33 2.47
CA LYS A 54 -3.84 4.39 3.18
C LYS A 54 -3.94 5.24 4.43
N ASN A 55 -4.68 6.34 4.37
CA ASN A 55 -4.87 7.17 5.55
C ASN A 55 -5.64 6.41 6.63
N VAL A 56 -6.69 5.68 6.23
CA VAL A 56 -7.50 4.96 7.19
C VAL A 56 -6.69 3.84 7.84
N VAL A 57 -6.09 2.98 7.01
CA VAL A 57 -5.32 1.85 7.55
C VAL A 57 -4.07 2.35 8.26
N GLY A 58 -3.48 3.45 7.80
CA GLY A 58 -2.30 4.00 8.49
C GLY A 58 -2.59 4.39 9.92
N GLY A 59 -3.76 4.98 10.17
CA GLY A 59 -4.13 5.32 11.52
C GLY A 59 -4.35 4.08 12.36
N GLN A 60 -4.91 3.04 11.74
CA GLN A 60 -5.13 1.78 12.45
C GLN A 60 -3.81 1.09 12.76
N ARG A 61 -2.87 1.05 11.80
CA ARG A 61 -1.57 0.46 12.07
C ARG A 61 -0.86 1.21 13.19
N ALA A 62 -0.88 2.54 13.13
CA ALA A 62 -0.24 3.34 14.17
C ALA A 62 -0.84 3.02 15.54
N ALA A 63 -2.17 2.96 15.61
CA ALA A 63 -2.82 2.62 16.88
C ALA A 63 -2.44 1.21 17.32
N TRP A 64 -2.48 0.25 16.39
CA TRP A 64 -2.16 -1.12 16.72
C TRP A 64 -0.74 -1.24 17.26
N ARG A 65 0.19 -0.47 16.69
CA ARG A 65 1.57 -0.54 17.16
C ARG A 65 1.72 0.01 18.57
N VAL A 66 1.03 1.11 18.88
CA VAL A 66 1.05 1.65 20.24
C VAL A 66 0.55 0.60 21.22
N LEU A 67 -0.62 0.02 20.93
CA LEU A 67 -1.22 -0.94 21.85
C LEU A 67 -0.38 -2.20 21.97
N SER A 68 0.17 -2.68 20.84
CA SER A 68 0.98 -3.88 20.87
C SER A 68 2.24 -3.68 21.72
N SER A 69 2.83 -2.49 21.63
CA SER A 69 4.00 -2.21 22.45
C SER A 69 3.66 -2.17 23.94
N ILE A 70 2.51 -1.56 24.29
CA ILE A 70 2.05 -1.58 25.67
C ILE A 70 1.81 -3.02 26.11
N GLU A 71 1.20 -3.82 25.24
CA GLU A 71 0.92 -5.21 25.56
C GLU A 71 2.20 -5.99 25.80
N GLN A 72 3.26 -5.70 25.04
CA GLN A 72 4.49 -6.45 25.20
C GLN A 72 5.24 -6.03 26.47
N LYS A 73 5.22 -4.75 26.80
CA LYS A 73 5.87 -4.31 28.03
C LYS A 73 5.13 -4.80 29.26
N SER A 74 3.82 -4.96 29.18
CA SER A 74 3.04 -5.52 30.29
C SER A 74 3.19 -7.03 30.41
N ASN A 75 3.96 -7.66 29.51
CA ASN A 75 4.26 -9.08 29.55
C ASN A 75 5.71 -9.32 29.98
N GLU A 76 6.19 -8.53 30.95
CA GLU A 76 7.58 -8.62 31.39
C GLU A 76 7.68 -8.75 32.91
N LYS A 82 -2.05 -5.88 34.18
CA LYS A 82 -2.09 -7.29 34.53
C LYS A 82 -3.42 -7.93 34.13
N GLY A 83 -4.41 -7.10 33.81
CA GLY A 83 -5.71 -7.58 33.41
C GLY A 83 -5.79 -7.84 31.92
N PRO A 84 -6.99 -8.18 31.43
CA PRO A 84 -7.15 -8.48 30.01
C PRO A 84 -7.30 -7.24 29.12
N GLU A 85 -7.36 -6.04 29.69
CA GLU A 85 -7.86 -4.88 28.94
C GLU A 85 -6.96 -4.51 27.76
N VAL A 86 -5.64 -4.52 27.95
CA VAL A 86 -4.75 -4.14 26.84
C VAL A 86 -4.92 -5.10 25.67
N ARG A 87 -4.94 -6.40 25.96
CA ARG A 87 -5.10 -7.39 24.89
C ARG A 87 -6.45 -7.22 24.19
N GLU A 88 -7.54 -7.12 24.98
CA GLU A 88 -8.86 -6.96 24.35
C GLU A 88 -8.91 -5.74 23.46
N TYR A 89 -8.34 -4.62 23.90
CA TYR A 89 -8.44 -3.42 23.08
C TYR A 89 -7.51 -3.52 21.87
N ARG A 90 -6.35 -4.13 22.04
CA ARG A 90 -5.48 -4.39 20.88
C ARG A 90 -6.20 -5.30 19.88
N GLU A 91 -6.89 -6.33 20.38
CA GLU A 91 -7.64 -7.22 19.51
C GLU A 91 -8.75 -6.48 18.78
N LYS A 92 -9.36 -5.50 19.46
CA LYS A 92 -10.42 -4.69 18.84
C LYS A 92 -9.89 -3.90 17.65
N VAL A 93 -8.84 -3.13 17.87
CA VAL A 93 -8.24 -2.36 16.79
C VAL A 93 -7.73 -3.29 15.69
N GLU A 94 -7.13 -4.41 16.07
CA GLU A 94 -6.63 -5.37 15.10
C GLU A 94 -7.75 -5.88 14.19
N THR A 95 -8.90 -6.22 14.76
CA THR A 95 -10.03 -6.70 13.98
C THR A 95 -10.51 -5.65 13.00
N GLU A 96 -10.57 -4.39 13.43
CA GLU A 96 -11.00 -3.30 12.55
C GLU A 96 -10.01 -3.11 11.40
N LEU A 97 -8.70 -3.20 11.71
CA LEU A 97 -7.67 -3.08 10.67
C LEU A 97 -7.81 -4.21 9.66
N GLN A 98 -7.98 -5.44 10.15
CA GLN A 98 -8.16 -6.56 9.23
C GLN A 98 -9.38 -6.35 8.36
N GLY A 99 -10.45 -5.79 8.92
CA GLY A 99 -11.65 -5.55 8.13
C GLY A 99 -11.43 -4.57 7.01
N VAL A 100 -10.63 -3.53 7.25
CA VAL A 100 -10.34 -2.58 6.19
C VAL A 100 -9.46 -3.23 5.13
N CYS A 101 -8.47 -4.01 5.53
CA CYS A 101 -7.63 -4.70 4.55
C CYS A 101 -8.45 -5.69 3.74
N ASP A 102 -9.38 -6.39 4.39
CA ASP A 102 -10.26 -7.31 3.67
C ASP A 102 -11.13 -6.57 2.68
N THR A 103 -11.60 -5.38 3.06
CA THR A 103 -12.41 -4.56 2.16
C THR A 103 -11.62 -4.16 0.92
N VAL A 104 -10.39 -3.68 1.13
CA VAL A 104 -9.55 -3.25 -0.01
C VAL A 104 -9.25 -4.44 -0.91
N LEU A 105 -8.82 -5.55 -0.31
CA LEU A 105 -8.48 -6.74 -1.09
C LEU A 105 -9.69 -7.29 -1.84
N GLY A 106 -10.88 -7.20 -1.25
CA GLY A 106 -12.07 -7.62 -1.96
C GLY A 106 -12.37 -6.72 -3.16
N LEU A 107 -12.17 -5.42 -2.99
CA LEU A 107 -12.34 -4.49 -4.11
C LEU A 107 -11.35 -4.79 -5.22
N LEU A 108 -10.08 -5.03 -4.86
CA LEU A 108 -9.08 -5.37 -5.86
C LEU A 108 -9.47 -6.61 -6.63
N ASP A 109 -9.90 -7.66 -5.93
CA ASP A 109 -10.21 -8.93 -6.58
C ASP A 109 -11.52 -8.86 -7.35
N SER A 110 -12.52 -8.17 -6.80
CA SER A 110 -13.84 -8.17 -7.42
C SER A 110 -13.93 -7.18 -8.57
N HIS A 111 -13.17 -6.08 -8.51
CA HIS A 111 -13.43 -4.99 -9.44
C HIS A 111 -12.21 -4.52 -10.21
N LEU A 112 -11.05 -4.45 -9.57
CA LEU A 112 -9.97 -3.62 -10.10
C LEU A 112 -8.87 -4.38 -10.81
N ILE A 113 -8.48 -5.56 -10.31
CA ILE A 113 -7.40 -6.31 -10.92
C ILE A 113 -7.94 -7.02 -12.17
N LYS A 114 -7.37 -6.69 -13.32
CA LYS A 114 -7.82 -7.21 -14.60
C LYS A 114 -6.61 -7.57 -15.46
N GLU A 115 -6.87 -8.37 -16.50
CA GLU A 115 -5.83 -8.66 -17.48
C GLU A 115 -5.60 -7.49 -18.42
N ALA A 116 -6.64 -6.73 -18.72
CA ALA A 116 -6.53 -5.63 -19.66
C ALA A 116 -6.05 -4.37 -18.96
N GLY A 117 -5.86 -3.31 -19.75
CA GLY A 117 -5.56 -2.00 -19.23
C GLY A 117 -4.07 -1.69 -19.25
N ASP A 118 -3.81 -0.42 -18.96
CA ASP A 118 -2.50 0.17 -18.71
C ASP A 118 -1.58 -0.73 -17.91
N ALA A 119 -0.28 -0.68 -18.24
CA ALA A 119 0.72 -1.17 -17.30
C ALA A 119 0.62 -0.47 -15.95
N GLU A 120 0.40 0.85 -15.98
CA GLU A 120 0.29 1.65 -14.77
C GLU A 120 -0.78 1.08 -13.86
N SER A 121 -1.98 0.84 -14.41
CA SER A 121 -3.09 0.35 -13.60
C SER A 121 -2.81 -1.06 -13.11
N ARG A 122 -2.34 -1.95 -13.99
CA ARG A 122 -2.10 -3.32 -13.57
C ARG A 122 -1.03 -3.39 -12.49
N VAL A 123 0.05 -2.63 -12.65
CA VAL A 123 1.11 -2.65 -11.64
C VAL A 123 0.60 -2.04 -10.34
N PHE A 124 -0.13 -0.93 -10.44
CA PHE A 124 -0.55 -0.24 -9.23
C PHE A 124 -1.46 -1.14 -8.39
N TYR A 125 -2.42 -1.83 -9.03
CA TYR A 125 -3.36 -2.63 -8.25
C TYR A 125 -2.69 -3.85 -7.64
N LEU A 126 -1.74 -4.46 -8.37
CA LEU A 126 -1.02 -5.60 -7.81
C LEU A 126 -0.10 -5.16 -6.69
N LYS A 127 0.51 -3.98 -6.84
CA LYS A 127 1.21 -3.34 -5.72
C LYS A 127 0.26 -3.14 -4.54
N MET A 128 -0.92 -2.58 -4.78
CA MET A 128 -1.89 -2.41 -3.70
C MET A 128 -2.18 -3.74 -3.00
N LYS A 129 -2.38 -4.80 -3.79
CA LYS A 129 -2.70 -6.09 -3.17
C LYS A 129 -1.55 -6.56 -2.29
N GLY A 130 -0.31 -6.44 -2.78
CA GLY A 130 0.83 -6.78 -1.95
C GLY A 130 0.88 -5.97 -0.66
N ASP A 131 0.57 -4.68 -0.75
CA ASP A 131 0.63 -3.83 0.44
C ASP A 131 -0.38 -4.26 1.49
N TYR A 132 -1.63 -4.50 1.08
CA TYR A 132 -2.65 -4.77 2.08
C TYR A 132 -2.54 -6.18 2.63
N TYR A 133 -2.00 -7.13 1.85
CA TYR A 133 -1.59 -8.40 2.43
C TYR A 133 -0.46 -8.19 3.43
N ARG A 134 0.47 -7.28 3.11
CA ARG A 134 1.56 -6.99 4.03
C ARG A 134 1.02 -6.39 5.33
N TYR A 135 0.03 -5.51 5.25
CA TYR A 135 -0.54 -4.95 6.48
C TYR A 135 -1.23 -6.03 7.29
N LEU A 136 -1.92 -6.97 6.62
CA LEU A 136 -2.48 -8.13 7.32
C LEU A 136 -1.39 -8.96 7.97
N ALA A 137 -0.24 -9.08 7.30
CA ALA A 137 0.84 -9.91 7.82
C ALA A 137 1.51 -9.26 9.02
N GLU A 138 1.47 -7.93 9.13
CA GLU A 138 2.03 -7.27 10.31
C GLU A 138 1.32 -7.68 11.59
N VAL A 139 0.06 -8.10 11.51
CA VAL A 139 -0.70 -8.47 12.70
C VAL A 139 -1.09 -9.95 12.74
N ALA A 140 -0.67 -10.72 11.75
CA ALA A 140 -1.01 -12.15 11.71
C ALA A 140 -0.06 -12.95 12.61
N THR A 141 -0.49 -14.17 12.96
CA THR A 141 0.35 -15.04 13.77
C THR A 141 0.35 -16.49 13.28
N GLY A 142 -0.81 -17.13 13.18
CA GLY A 142 -0.87 -18.56 13.02
C GLY A 142 -0.74 -19.12 11.62
N ASP A 143 -1.53 -20.16 11.31
CA ASP A 143 -1.57 -20.70 9.95
C ASP A 143 -1.95 -19.62 8.95
N ASP A 144 -2.72 -18.63 9.37
CA ASP A 144 -3.03 -17.50 8.51
C ASP A 144 -1.77 -16.78 8.05
N LYS A 145 -0.80 -16.62 8.95
CA LYS A 145 0.35 -15.77 8.66
C LYS A 145 1.14 -16.26 7.45
N LYS A 146 1.34 -17.57 7.35
CA LYS A 146 2.03 -18.12 6.18
C LYS A 146 1.24 -17.83 4.91
N ARG A 147 -0.06 -18.19 4.91
CA ARG A 147 -0.92 -17.92 3.76
C ARG A 147 -0.84 -16.46 3.32
N ILE A 148 -0.84 -15.54 4.30
CA ILE A 148 -0.86 -14.11 3.97
C ILE A 148 0.49 -13.66 3.41
N ILE A 149 1.58 -14.14 4.00
CA ILE A 149 2.90 -13.71 3.53
C ILE A 149 3.14 -14.15 2.09
N ASP A 150 2.75 -15.39 1.77
CA ASP A 150 2.90 -15.85 0.39
C ASP A 150 2.02 -15.04 -0.56
N SER A 151 0.81 -14.68 -0.12
CA SER A 151 -0.08 -13.90 -0.97
C SER A 151 0.54 -12.53 -1.27
N ALA A 152 1.12 -11.88 -0.27
CA ALA A 152 1.81 -10.61 -0.50
C ALA A 152 2.94 -10.77 -1.50
N ARG A 153 3.83 -11.72 -1.26
CA ARG A 153 4.96 -11.93 -2.16
C ARG A 153 4.49 -12.18 -3.60
N SER A 154 3.49 -13.04 -3.78
CA SER A 154 3.04 -13.37 -5.13
C SER A 154 2.52 -12.13 -5.84
N ALA A 155 1.80 -11.27 -5.12
CA ALA A 155 1.27 -10.06 -5.75
C ALA A 155 2.39 -9.07 -6.06
N TYR A 156 3.33 -8.90 -5.14
CA TYR A 156 4.47 -8.03 -5.40
C TYR A 156 5.27 -8.54 -6.59
N GLN A 157 5.56 -9.84 -6.61
CA GLN A 157 6.38 -10.41 -7.67
C GLN A 157 5.70 -10.27 -9.02
N GLU A 158 4.36 -10.42 -9.07
CA GLU A 158 3.71 -10.28 -10.37
C GLU A 158 3.77 -8.82 -10.82
N ALA A 159 3.63 -7.89 -9.87
CA ALA A 159 3.75 -6.48 -10.18
C ALA A 159 5.17 -6.15 -10.64
N MET A 160 6.17 -6.76 -10.00
CA MET A 160 7.56 -6.51 -10.39
C MET A 160 7.81 -6.97 -11.83
N ASP A 161 7.31 -8.15 -12.18
CA ASP A 161 7.51 -8.69 -13.52
C ASP A 161 6.97 -7.73 -14.57
N ILE A 162 5.75 -7.25 -14.37
CA ILE A 162 5.14 -6.32 -15.32
C ILE A 162 5.90 -5.01 -15.37
N SER A 163 6.23 -4.44 -14.21
CA SER A 163 6.88 -3.14 -14.20
C SER A 163 8.24 -3.19 -14.89
N LYS A 164 8.97 -4.29 -14.74
CA LYS A 164 10.28 -4.37 -15.37
C LYS A 164 10.17 -4.51 -16.88
N LYS A 165 9.06 -5.08 -17.38
CA LYS A 165 8.88 -5.29 -18.81
C LYS A 165 8.27 -4.08 -19.52
N GLU A 166 7.44 -3.32 -18.82
CA GLU A 166 6.51 -2.38 -19.42
C GLU A 166 6.75 -0.94 -19.00
N MET A 167 7.68 -0.69 -18.08
CA MET A 167 7.80 0.59 -17.43
C MET A 167 9.25 1.03 -17.39
N PRO A 168 9.54 2.32 -17.60
CA PRO A 168 10.91 2.79 -17.42
C PRO A 168 11.34 2.67 -15.97
N PRO A 169 12.64 2.55 -15.71
CA PRO A 169 13.08 2.31 -14.33
C PRO A 169 12.92 3.51 -13.42
N THR A 170 12.53 4.68 -13.93
CA THR A 170 12.22 5.82 -13.07
C THR A 170 10.73 5.97 -12.81
N ASN A 171 9.89 5.16 -13.42
CA ASN A 171 8.45 5.33 -13.25
C ASN A 171 8.09 5.28 -11.77
N PRO A 172 7.32 6.24 -11.26
CA PRO A 172 7.09 6.30 -9.79
C PRO A 172 6.30 5.11 -9.24
N ILE A 173 5.41 4.52 -10.03
CA ILE A 173 4.72 3.32 -9.59
C ILE A 173 5.71 2.16 -9.52
N ARG A 174 6.55 2.01 -10.53
CA ARG A 174 7.59 0.98 -10.46
C ARG A 174 8.50 1.21 -9.26
N LEU A 175 8.90 2.46 -9.03
CA LEU A 175 9.78 2.74 -7.89
C LEU A 175 9.07 2.45 -6.57
N GLY A 176 7.85 2.97 -6.42
CA GLY A 176 7.13 2.75 -5.16
C GLY A 176 6.86 1.29 -4.90
N LEU A 177 6.55 0.53 -5.96
CA LEU A 177 6.41 -0.90 -5.82
C LEU A 177 7.69 -1.54 -5.29
N ALA A 178 8.84 -1.24 -5.92
CA ALA A 178 10.09 -1.85 -5.48
C ALA A 178 10.46 -1.41 -4.07
N LEU A 179 10.24 -0.14 -3.74
CA LEU A 179 10.42 0.30 -2.36
C LEU A 179 9.58 -0.54 -1.40
N ASN A 180 8.29 -0.74 -1.73
CA ASN A 180 7.42 -1.46 -0.79
C ASN A 180 7.76 -2.94 -0.74
N PHE A 181 8.15 -3.52 -1.88
CA PHE A 181 8.60 -4.91 -1.88
C PHE A 181 9.85 -5.08 -1.04
N SER A 182 10.79 -4.14 -1.11
CA SER A 182 11.99 -4.26 -0.29
C SER A 182 11.65 -4.12 1.19
N VAL A 183 10.68 -3.27 1.52
CA VAL A 183 10.22 -3.19 2.91
C VAL A 183 9.61 -4.51 3.34
N PHE A 184 8.82 -5.14 2.45
CA PHE A 184 8.30 -6.49 2.72
C PHE A 184 9.43 -7.46 3.04
N HIS A 185 10.47 -7.47 2.19
CA HIS A 185 11.59 -8.37 2.42
C HIS A 185 12.23 -8.12 3.78
N TYR A 186 12.43 -6.86 4.14
CA TYR A 186 13.20 -6.55 5.34
C TYR A 186 12.37 -6.75 6.60
N GLU A 187 11.12 -6.30 6.60
CA GLU A 187 10.31 -6.24 7.81
C GLU A 187 9.40 -7.45 8.00
N ILE A 188 8.97 -8.08 6.92
CA ILE A 188 7.98 -9.16 6.96
C ILE A 188 8.62 -10.52 6.70
N ALA A 189 9.35 -10.65 5.59
CA ALA A 189 9.87 -11.95 5.17
C ALA A 189 11.18 -12.32 5.83
N ASN A 190 11.75 -11.43 6.65
CA ASN A 190 13.00 -11.72 7.36
C ASN A 190 14.14 -12.04 6.39
N SER A 191 14.13 -11.38 5.23
CA SER A 191 15.17 -11.56 4.21
C SER A 191 15.87 -10.22 3.99
N PRO A 192 16.74 -9.81 4.91
CA PRO A 192 17.41 -8.51 4.75
C PRO A 192 18.14 -8.42 3.42
N GLU A 193 19.08 -9.34 3.16
CA GLU A 193 19.90 -9.26 1.96
C GLU A 193 19.07 -9.06 0.71
N GLU A 194 17.92 -9.74 0.61
CA GLU A 194 17.01 -9.52 -0.51
C GLU A 194 16.53 -8.08 -0.57
N ALA A 195 16.35 -7.45 0.60
CA ALA A 195 15.82 -6.10 0.63
C ALA A 195 16.87 -5.07 0.21
N ILE A 196 18.10 -5.17 0.76
CA ILE A 196 19.18 -4.28 0.29
C ILE A 196 19.43 -4.46 -1.20
N SER A 197 19.53 -5.70 -1.66
CA SER A 197 19.84 -5.92 -3.06
C SER A 197 18.73 -5.39 -3.96
N LEU A 198 17.46 -5.60 -3.60
CA LEU A 198 16.37 -5.04 -4.39
C LEU A 198 16.40 -3.51 -4.36
N ALA A 199 16.57 -2.93 -3.17
CA ALA A 199 16.57 -1.48 -3.06
C ALA A 199 17.76 -0.87 -3.79
N LYS A 200 18.93 -1.49 -3.69
CA LYS A 200 20.10 -0.96 -4.37
C LYS A 200 19.97 -1.10 -5.89
N THR A 201 19.52 -2.28 -6.35
CA THR A 201 19.28 -2.46 -7.78
C THR A 201 18.28 -1.44 -8.32
N THR A 202 17.21 -1.19 -7.57
CA THR A 202 16.20 -0.25 -8.03
C THR A 202 16.76 1.17 -8.09
N PHE A 203 17.45 1.61 -7.04
CA PHE A 203 18.04 2.94 -7.05
C PHE A 203 19.05 3.08 -8.18
N ASP A 204 19.95 2.11 -8.29
CA ASP A 204 21.04 2.25 -9.26
C ASP A 204 20.48 2.24 -10.68
N GLU A 205 19.46 1.42 -10.93
CA GLU A 205 18.90 1.35 -12.28
C GLU A 205 18.10 2.58 -12.64
N ALA A 206 17.41 3.18 -11.66
CA ALA A 206 16.76 4.47 -11.90
C ALA A 206 17.80 5.53 -12.21
N MET A 207 18.95 5.44 -11.54
CA MET A 207 19.97 6.45 -11.65
C MET A 207 20.67 6.31 -13.01
N ALA A 208 20.89 5.06 -13.43
CA ALA A 208 21.54 4.80 -14.72
C ALA A 208 20.68 5.30 -15.89
N ASP A 209 19.36 5.17 -15.78
CA ASP A 209 18.47 5.72 -16.80
C ASP A 209 17.69 6.92 -16.28
N LEU A 210 18.42 7.89 -15.68
CA LEU A 210 17.75 9.03 -15.06
C LEU A 210 17.02 9.88 -16.10
N HIS A 211 17.52 9.90 -17.34
CA HIS A 211 16.90 10.61 -18.45
C HIS A 211 15.47 10.16 -18.76
N THR A 212 14.99 9.08 -18.17
CA THR A 212 13.63 8.61 -18.43
C THR A 212 12.62 9.23 -17.47
N LEU A 213 13.07 10.14 -16.61
CA LEU A 213 12.13 10.83 -15.73
C LEU A 213 11.09 11.55 -16.58
N SER A 214 9.84 11.50 -16.13
CA SER A 214 8.74 12.08 -16.87
C SER A 214 8.45 13.45 -16.29
N GLU A 215 8.12 14.41 -17.16
CA GLU A 215 7.99 15.75 -16.64
C GLU A 215 6.71 15.96 -15.82
N ASP A 216 5.74 15.06 -15.93
CA ASP A 216 4.56 15.17 -15.08
C ASP A 216 4.67 14.39 -13.77
N SER A 217 5.77 13.66 -13.54
CA SER A 217 5.90 12.86 -12.31
C SER A 217 7.30 12.83 -11.72
N TYR A 218 8.25 13.63 -12.21
CA TYR A 218 9.64 13.46 -11.80
C TYR A 218 9.82 13.75 -10.32
N LYS A 219 8.99 14.63 -9.74
CA LYS A 219 9.11 14.90 -8.31
C LYS A 219 8.77 13.65 -7.49
N ASP A 220 7.77 12.88 -7.94
CA ASP A 220 7.44 11.62 -7.28
C ASP A 220 8.57 10.61 -7.42
N SER A 221 9.14 10.49 -8.63
CA SER A 221 10.26 9.57 -8.81
C SER A 221 11.40 9.90 -7.88
N THR A 222 11.80 11.17 -7.82
CA THR A 222 13.00 11.47 -7.06
C THR A 222 12.76 11.35 -5.56
N LEU A 223 11.50 11.52 -5.13
CA LEU A 223 11.16 11.25 -3.75
C LEU A 223 11.38 9.79 -3.40
N ILE A 224 10.87 8.87 -4.23
CA ILE A 224 11.05 7.46 -3.93
C ILE A 224 12.53 7.05 -4.02
N MET A 225 13.29 7.60 -4.98
CA MET A 225 14.70 7.18 -4.94
C MET A 225 15.41 7.69 -3.69
N GLN A 226 15.02 8.84 -3.17
CA GLN A 226 15.57 9.26 -1.88
C GLN A 226 15.15 8.30 -0.75
N LEU A 227 13.91 7.80 -0.79
CA LEU A 227 13.48 6.88 0.26
C LEU A 227 14.19 5.54 0.15
N LEU A 228 14.47 5.08 -1.08
CA LEU A 228 15.32 3.92 -1.25
C LEU A 228 16.69 4.13 -0.59
N ARG A 229 17.31 5.29 -0.85
CA ARG A 229 18.60 5.60 -0.23
C ARG A 229 18.51 5.61 1.29
N ASP A 230 17.43 6.19 1.84
CA ASP A 230 17.27 6.23 3.30
C ASP A 230 17.23 4.81 3.88
N ASN A 231 16.41 3.94 3.28
CA ASN A 231 16.33 2.56 3.75
C ASN A 231 17.69 1.87 3.65
N LEU A 232 18.40 2.08 2.55
CA LEU A 232 19.73 1.48 2.41
C LEU A 232 20.66 1.97 3.50
N THR A 233 20.56 3.25 3.87
CA THR A 233 21.41 3.78 4.92
C THR A 233 21.03 3.20 6.28
N LEU A 234 19.73 3.02 6.51
CA LEU A 234 19.26 2.37 7.74
C LEU A 234 19.74 0.93 7.79
N TRP A 235 19.60 0.19 6.70
CA TRP A 235 19.94 -1.23 6.64
C TRP A 235 21.43 -1.50 6.53
N THR A 236 22.27 -0.48 6.31
CA THR A 236 23.72 -0.69 6.25
C THR A 236 24.46 0.17 7.28
N GLN B 1 13.45 2.23 14.93
CA GLN B 1 13.13 2.90 13.69
C GLN B 1 12.82 1.93 12.56
N ARG B 2 11.58 1.95 12.07
CA ARG B 2 11.16 1.02 11.04
C ARG B 2 11.56 1.52 9.67
N SER B 3 11.39 0.65 8.68
CA SER B 3 11.70 1.03 7.31
C SER B 3 10.64 1.98 6.78
N THR B 4 11.02 2.75 5.77
CA THR B 4 10.08 3.68 5.16
C THR B 4 9.49 3.11 3.88
N SEP B 5 8.16 3.07 3.81
CA SEP B 5 7.46 2.61 2.62
CB SEP B 5 6.28 1.68 2.97
OG SEP B 5 5.31 2.41 3.71
C SEP B 5 6.97 3.82 1.84
O SEP B 5 7.17 4.96 2.25
P SEP B 5 4.10 1.50 4.30
O1P SEP B 5 3.29 0.86 3.07
O2P SEP B 5 4.72 0.37 5.26
O3P SEP B 5 3.25 2.57 5.12
N THR B 6 6.36 3.58 0.68
CA THR B 6 5.82 4.65 -0.13
C THR B 6 4.82 5.51 0.63
N PRO B 7 4.99 6.83 0.55
CA PRO B 7 4.14 7.75 1.30
C PRO B 7 2.90 8.16 0.51
N ASN B 8 1.97 8.82 1.21
CA ASN B 8 0.88 9.46 0.48
C ASN B 8 1.34 10.77 -0.17
N VAL B 9 0.71 11.09 -1.30
CA VAL B 9 1.04 12.30 -2.03
C VAL B 9 -0.16 12.65 -2.92
N HIS B 10 -0.32 13.95 -3.18
CA HIS B 10 -1.36 14.49 -4.08
C HIS B 10 -2.80 14.15 -3.68
CL CL C . -12.15 -3.46 23.85
MG MG D . -5.56 -12.05 16.08
MG MG E . -23.04 6.29 -11.70
C1 WQN F . -1.52 6.02 -11.21
C10 WQN F . 4.65 8.15 -4.75
C11 WQN F . 4.93 7.40 -5.88
C12 WQN F . 4.10 6.35 -6.21
C13 WQN F . -0.30 6.09 -5.29
C14 WQN F . -1.63 6.51 -5.86
C2 WQN F . -1.22 7.06 -12.27
C3 WQN F . -1.59 5.67 -8.69
C4 WQN F . -0.77 6.76 -8.01
C5 WQN F . -0.83 7.59 -9.30
C6 WQN F . 0.62 6.35 -7.51
C7 WQN F . 2.99 6.07 -5.44
C8 WQN F . 2.71 6.83 -4.33
C9 WQN F . 3.54 7.88 -3.99
N1 WQN F . -1.33 6.38 -9.95
N2 WQN F . 0.50 5.45 -6.36
O1 WQN F . -1.95 4.91 -11.50
O2 WQN F . 1.59 3.99 -4.69
O3 WQN F . 2.43 4.08 -7.03
O4 WQN F . -1.47 7.39 -6.96
S1 WQN F . 1.89 4.74 -5.86
BR1 WQN F . 5.77 9.61 -4.23
#